data_3V5A
#
_entry.id   3V5A
#
_cell.length_a   62.577
_cell.length_b   49.933
_cell.length_c   65.401
_cell.angle_alpha   90.00
_cell.angle_beta   107.30
_cell.angle_gamma   90.00
#
_symmetry.space_group_name_H-M   'P 1 21 1'
#
loop_
_entity.id
_entity.type
_entity.pdbx_description
1 polymer Lactotransferrin
2 polymer 'C-TERMINAL PEPTIDE OF LACTOTRANSFERRIN'
3 branched 2-acetamido-2-deoxy-beta-D-glucopyranose-(1-4)-2-acetamido-2-deoxy-beta-D-glucopyranose
4 non-polymer 2-acetamido-2-deoxy-beta-D-glucopyranose
5 non-polymer 'FE (III) ION'
6 non-polymer 'ZINC ION'
7 non-polymer 'CARBONATE ION'
8 non-polymer GLYCEROL
9 non-polymer 'GAMMA-AMINO-BUTANOIC ACID'
10 water water
#
loop_
_entity_poly.entity_id
_entity_poly.type
_entity_poly.pdbx_seq_one_letter_code
_entity_poly.pdbx_strand_id
1 'polypeptide(L)'
;YTRVVWCAVGPEEQKKCQQWSQQSGQNVTCATASTTDDCIVLVLKGEADALNLDGGYIYTAGKCGLVPVLAENRKSSKHS
SLDCVLRPTEGYLAVAVVKKANEGLTWNSLKDKKSCHTAVDRTAGWNIPMGLIVNQTGSCAFDEFFSQSCAPGADPKSRL
CALCAGDDQGLDKCVPNSKEKYYGYTGAFRCLAEDVGDVAFVKNDTVWENTNGESTADWAKNLKREDFRLLCLDGTRKPV
TEAQSCHLAVAPNHAVVSRSDRAAHVEQVLLHQQALFGKNGKNCPDKFCLFKSETKNLLFNDNTECLAKLGGRPTYEEYL
GTEYVTAIANLKKCS
;
A
2 'polypeptide(L)' LEACAF B
#
loop_
_chem_comp.id
_chem_comp.type
_chem_comp.name
_chem_comp.formula
ABU non-polymer 'GAMMA-AMINO-BUTANOIC ACID' 'C4 H9 N O2'
CO3 non-polymer 'CARBONATE ION' 'C O3 -2'
FE non-polymer 'FE (III) ION' 'Fe 3'
GOL non-polymer GLYCEROL 'C3 H8 O3'
NAG D-saccharide, beta linking 2-acetamido-2-deoxy-beta-D-glucopyranose 'C8 H15 N O6'
ZN non-polymer 'ZINC ION' 'Zn 2'
#
# COMPACT_ATOMS: atom_id res chain seq x y z
N TYR A 1 -23.10 19.00 -13.41
CA TYR A 1 -22.30 18.05 -12.56
C TYR A 1 -21.07 18.73 -11.94
N THR A 2 -20.46 18.09 -10.95
CA THR A 2 -19.30 18.66 -10.37
C THR A 2 -18.05 17.81 -10.78
N ARG A 3 -16.99 18.54 -10.81
CA ARG A 3 -15.63 17.93 -10.88
C ARG A 3 -15.33 17.13 -9.65
N VAL A 4 -14.52 16.09 -9.83
CA VAL A 4 -13.98 15.29 -8.63
C VAL A 4 -12.53 15.65 -8.41
N VAL A 5 -12.22 16.06 -7.19
CA VAL A 5 -10.87 16.57 -6.85
C VAL A 5 -10.13 15.35 -6.17
N TRP A 6 -9.15 14.80 -6.89
CA TRP A 6 -8.35 13.74 -6.33
C TRP A 6 -7.26 14.25 -5.50
N CYS A 7 -6.77 13.48 -4.54
CA CYS A 7 -5.64 13.93 -3.77
C CYS A 7 -4.41 13.02 -4.01
N ALA A 8 -3.38 13.65 -4.55
CA ALA A 8 -2.08 12.96 -4.88
C ALA A 8 -1.12 13.16 -3.74
N VAL A 9 -0.43 12.08 -3.40
CA VAL A 9 0.57 12.08 -2.32
C VAL A 9 1.95 12.21 -2.91
N GLY A 10 2.54 13.39 -2.75
CA GLY A 10 3.89 13.69 -3.35
C GLY A 10 3.89 14.00 -4.83
N PRO A 11 5.05 14.46 -5.35
CA PRO A 11 5.07 15.04 -6.70
C PRO A 11 4.99 14.10 -7.87
N GLU A 12 5.33 12.82 -7.65
CA GLU A 12 5.18 11.88 -8.74
C GLU A 12 3.68 11.52 -8.94
N GLU A 13 2.94 11.33 -7.82
CA GLU A 13 1.52 11.14 -7.94
C GLU A 13 0.89 12.42 -8.51
N GLN A 14 1.36 13.62 -8.08
CA GLN A 14 0.73 14.86 -8.62
C GLN A 14 0.91 14.88 -10.18
N LYS A 15 2.12 14.59 -10.68
CA LYS A 15 2.34 14.55 -12.16
C LYS A 15 1.34 13.63 -12.86
N LYS A 16 1.16 12.42 -12.29
CA LYS A 16 0.19 11.48 -12.86
C LYS A 16 -1.21 12.01 -12.83
N CYS A 17 -1.55 12.61 -11.68
CA CYS A 17 -2.90 13.10 -11.54
C CYS A 17 -3.13 14.26 -12.55
N GLN A 18 -2.11 15.11 -12.76
CA GLN A 18 -2.30 16.20 -13.73
C GLN A 18 -2.48 15.63 -15.13
N GLN A 19 -1.83 14.54 -15.50
CA GLN A 19 -2.07 13.89 -16.82
C GLN A 19 -3.50 13.37 -16.90
N TRP A 20 -3.97 12.69 -15.84
CA TRP A 20 -5.34 12.21 -15.83
C TRP A 20 -6.30 13.38 -15.97
N SER A 21 -6.07 14.43 -15.21
CA SER A 21 -6.98 15.60 -15.23
C SER A 21 -7.10 16.15 -16.66
N GLN A 22 -5.94 16.36 -17.31
CA GLN A 22 -5.94 16.83 -18.75
C GLN A 22 -6.74 15.85 -19.59
N GLN A 23 -6.52 14.57 -19.45
CA GLN A 23 -7.18 13.63 -20.35
C GLN A 23 -8.65 13.50 -20.10
N SER A 24 -9.06 13.71 -18.83
CA SER A 24 -10.45 13.68 -18.41
C SER A 24 -11.26 14.98 -18.76
N GLY A 25 -10.58 15.94 -19.39
CA GLY A 25 -11.24 17.23 -19.75
C GLY A 25 -11.65 17.92 -18.44
N GLN A 26 -10.76 17.79 -17.44
CA GLN A 26 -11.07 18.32 -16.04
C GLN A 26 -12.28 17.78 -15.34
N ASN A 27 -12.81 16.64 -15.72
CA ASN A 27 -13.79 15.95 -14.93
C ASN A 27 -13.16 15.55 -13.59
N VAL A 28 -11.83 15.24 -13.64
CA VAL A 28 -11.06 15.07 -12.39
C VAL A 28 -10.02 16.14 -12.40
N THR A 29 -9.83 16.73 -11.23
CA THR A 29 -8.79 17.67 -10.98
C THR A 29 -7.94 17.29 -9.74
N CYS A 30 -6.88 18.00 -9.37
CA CYS A 30 -5.88 17.44 -8.44
C CYS A 30 -5.60 18.39 -7.29
N ALA A 31 -5.52 17.87 -6.14
CA ALA A 31 -4.90 18.54 -5.04
C ALA A 31 -3.74 17.66 -4.64
N THR A 32 -2.72 18.20 -3.98
CA THR A 32 -1.60 17.36 -3.64
C THR A 32 -1.13 17.71 -2.27
N ALA A 33 -0.66 16.71 -1.54
CA ALA A 33 -0.16 16.90 -0.16
C ALA A 33 1.12 15.99 -0.03
N SER A 34 1.88 16.18 1.06
CA SER A 34 3.14 15.49 1.19
C SER A 34 3.00 14.09 1.71
N THR A 35 1.91 13.78 2.40
CA THR A 35 1.75 12.49 3.05
C THR A 35 0.27 12.09 2.87
N THR A 36 0.04 10.79 3.06
CA THR A 36 -1.33 10.31 3.00
C THR A 36 -2.21 10.88 4.13
N ASP A 37 -1.67 11.02 5.32
CA ASP A 37 -2.49 11.67 6.34
C ASP A 37 -2.84 13.09 5.97
N ASP A 38 -1.92 13.82 5.36
CA ASP A 38 -2.27 15.19 4.93
C ASP A 38 -3.33 15.16 3.86
N CYS A 39 -3.34 14.22 2.90
CA CYS A 39 -4.44 14.08 1.93
C CYS A 39 -5.76 13.76 2.66
N ILE A 40 -5.74 12.91 3.66
CA ILE A 40 -6.98 12.60 4.40
C ILE A 40 -7.51 13.90 5.02
N VAL A 41 -6.63 14.75 5.53
CA VAL A 41 -7.06 16.05 6.14
C VAL A 41 -7.57 16.91 5.05
N LEU A 42 -7.03 16.99 3.80
CA LEU A 42 -7.65 17.80 2.76
C LEU A 42 -9.05 17.30 2.48
N VAL A 43 -9.24 15.98 2.44
CA VAL A 43 -10.62 15.44 2.17
C VAL A 43 -11.54 15.79 3.32
N LEU A 44 -11.11 15.71 4.59
CA LEU A 44 -11.98 16.06 5.73
C LEU A 44 -12.30 17.50 5.69
N LYS A 45 -11.44 18.38 5.22
CA LYS A 45 -11.77 19.81 5.03
C LYS A 45 -12.61 20.11 3.87
N GLY A 46 -12.85 19.20 2.99
CA GLY A 46 -13.58 19.43 1.73
C GLY A 46 -12.75 20.11 0.66
N GLU A 47 -11.42 20.06 0.80
CA GLU A 47 -10.50 20.66 -0.19
C GLU A 47 -9.98 19.62 -1.22
N ALA A 48 -10.33 18.35 -0.99
CA ALA A 48 -10.22 17.31 -1.99
C ALA A 48 -11.42 16.41 -1.75
N ASP A 49 -11.68 15.57 -2.77
CA ASP A 49 -12.82 14.62 -2.67
C ASP A 49 -12.45 13.23 -2.26
N ALA A 50 -11.32 12.74 -2.80
CA ALA A 50 -11.10 11.26 -2.63
C ALA A 50 -9.63 10.93 -2.91
N LEU A 51 -9.25 9.73 -2.44
CA LEU A 51 -7.99 9.12 -2.89
C LEU A 51 -8.11 7.64 -2.59
N ASN A 52 -7.20 6.85 -3.16
CA ASN A 52 -7.15 5.45 -2.91
C ASN A 52 -6.16 5.10 -1.84
N LEU A 53 -6.53 4.26 -0.92
CA LEU A 53 -5.83 4.08 0.36
C LEU A 53 -5.50 2.63 0.71
N ASP A 54 -4.30 2.35 1.21
CA ASP A 54 -4.05 1.09 1.95
C ASP A 54 -5.02 0.97 3.17
N GLY A 55 -5.35 -0.22 3.58
CA GLY A 55 -6.27 -0.44 4.68
C GLY A 55 -5.93 0.20 6.00
N GLY A 56 -4.66 0.33 6.31
CA GLY A 56 -4.26 1.01 7.53
C GLY A 56 -4.61 2.48 7.50
N TYR A 57 -4.48 3.07 6.33
CA TYR A 57 -4.90 4.42 6.13
C TYR A 57 -6.43 4.53 6.08
N ILE A 58 -7.09 3.50 5.57
CA ILE A 58 -8.61 3.45 5.61
C ILE A 58 -9.01 3.52 7.06
N TYR A 59 -8.31 2.84 7.94
CA TYR A 59 -8.66 2.96 9.38
C TYR A 59 -8.54 4.39 9.90
N THR A 60 -7.43 5.11 9.65
CA THR A 60 -7.32 6.52 10.03
C THR A 60 -8.44 7.30 9.40
N ALA A 61 -8.70 7.13 8.13
CA ALA A 61 -9.73 7.90 7.45
C ALA A 61 -11.12 7.64 8.00
N GLY A 62 -11.35 6.40 8.32
CA GLY A 62 -12.64 5.93 8.74
C GLY A 62 -13.02 6.43 10.11
N LYS A 63 -12.03 6.49 10.98
CA LYS A 63 -12.18 7.05 12.29
C LYS A 63 -12.55 8.50 12.21
N CYS A 64 -12.20 9.15 11.12
CA CYS A 64 -12.51 10.56 10.92
C CYS A 64 -13.74 10.76 10.10
N GLY A 65 -14.45 9.71 9.74
CA GLY A 65 -15.75 9.85 9.06
C GLY A 65 -15.76 9.56 7.60
N LEU A 66 -14.57 9.27 7.02
CA LEU A 66 -14.62 8.98 5.57
C LEU A 66 -15.01 7.54 5.30
N VAL A 67 -15.61 7.31 4.15
CA VAL A 67 -16.27 6.01 3.84
C VAL A 67 -15.56 5.35 2.61
N PRO A 68 -15.59 4.03 2.55
CA PRO A 68 -15.06 3.35 1.35
C PRO A 68 -16.03 3.49 0.19
N VAL A 69 -15.52 3.63 -1.03
CA VAL A 69 -16.37 3.90 -2.20
C VAL A 69 -16.27 2.74 -3.22
N LEU A 70 -15.04 2.36 -3.66
CA LEU A 70 -14.77 1.28 -4.62
C LEU A 70 -13.47 0.69 -4.21
N ALA A 71 -13.20 -0.59 -4.51
CA ALA A 71 -11.95 -1.20 -4.05
C ALA A 71 -11.15 -1.62 -5.26
N GLU A 72 -9.81 -1.62 -5.10
CA GLU A 72 -9.00 -2.29 -6.14
C GLU A 72 -9.33 -3.75 -6.27
N ASN A 73 -9.39 -4.21 -7.55
CA ASN A 73 -9.56 -5.66 -7.82
C ASN A 73 -8.42 -6.00 -8.76
N ARG A 74 -7.59 -6.94 -8.32
CA ARG A 74 -6.50 -7.39 -9.22
C ARG A 74 -7.06 -8.67 -9.95
N LYS A 75 -6.35 -9.09 -10.98
CA LYS A 75 -6.69 -10.39 -11.64
C LYS A 75 -6.97 -11.48 -10.64
N SER A 76 -8.05 -12.26 -10.87
CA SER A 76 -8.43 -13.29 -9.87
C SER A 76 -7.62 -14.56 -10.13
N SER A 77 -7.30 -15.32 -9.08
CA SER A 77 -6.53 -16.54 -9.24
C SER A 77 -7.42 -17.61 -9.90
N LYS A 78 -8.73 -17.52 -9.65
CA LYS A 78 -9.72 -18.46 -10.19
C LYS A 78 -10.53 -17.83 -11.33
N HIS A 79 -10.99 -18.67 -12.28
CA HIS A 79 -11.89 -18.18 -13.35
C HIS A 79 -13.20 -17.64 -12.80
N SER A 80 -13.65 -16.53 -13.38
CA SER A 80 -14.93 -16.01 -13.03
C SER A 80 -15.53 -15.42 -14.32
N SER A 81 -16.83 -15.63 -14.50
CA SER A 81 -17.56 -15.03 -15.60
C SER A 81 -18.10 -13.60 -15.31
N LEU A 82 -17.93 -13.12 -14.08
CA LEU A 82 -18.40 -11.77 -13.68
C LEU A 82 -17.49 -10.67 -14.25
N ASP A 83 -18.10 -9.54 -14.60
CA ASP A 83 -17.28 -8.41 -14.96
C ASP A 83 -16.43 -8.00 -13.68
N CYS A 84 -15.20 -7.59 -13.99
CA CYS A 84 -14.31 -7.09 -12.89
C CYS A 84 -15.00 -6.18 -11.85
N VAL A 85 -15.88 -5.31 -12.33
CA VAL A 85 -16.46 -4.30 -11.42
C VAL A 85 -17.37 -5.00 -10.45
N LEU A 86 -17.94 -6.16 -10.83
CA LEU A 86 -18.86 -6.93 -9.95
C LEU A 86 -18.26 -8.15 -9.27
N ARG A 87 -16.99 -8.43 -9.51
CA ARG A 87 -16.34 -9.58 -8.91
C ARG A 87 -15.96 -9.19 -7.42
N PRO A 88 -16.25 -10.11 -6.48
CA PRO A 88 -15.84 -9.93 -5.06
C PRO A 88 -14.30 -9.80 -4.95
N THR A 89 -13.81 -8.87 -4.12
CA THR A 89 -12.31 -8.68 -4.04
C THR A 89 -11.77 -9.84 -3.23
N GLU A 90 -10.48 -10.20 -3.43
CA GLU A 90 -9.91 -11.32 -2.70
C GLU A 90 -8.86 -11.06 -1.58
N GLY A 91 -8.46 -9.88 -1.39
CA GLY A 91 -7.49 -9.64 -0.26
C GLY A 91 -6.14 -10.12 -0.72
N TYR A 92 -5.12 -9.41 -0.32
CA TYR A 92 -3.76 -9.77 -0.70
C TYR A 92 -3.03 -10.33 0.49
N LEU A 93 -1.90 -11.01 0.22
CA LEU A 93 -1.18 -11.72 1.27
C LEU A 93 -0.02 -10.88 1.83
N ALA A 94 -0.06 -10.53 3.10
CA ALA A 94 1.08 -9.84 3.68
C ALA A 94 2.15 -10.85 3.95
N VAL A 95 3.40 -10.56 3.61
CA VAL A 95 4.44 -11.59 3.81
C VAL A 95 5.67 -10.91 4.34
N ALA A 96 6.59 -11.68 4.89
CA ALA A 96 7.92 -11.25 5.35
C ALA A 96 8.91 -11.88 4.42
N VAL A 97 9.75 -11.16 3.71
CA VAL A 97 10.62 -11.69 2.64
C VAL A 97 12.06 -11.40 3.06
N VAL A 98 12.89 -12.43 2.82
CA VAL A 98 14.34 -12.33 3.11
C VAL A 98 15.08 -12.88 1.92
N LYS A 99 16.41 -12.69 1.98
CA LYS A 99 17.23 -13.38 0.94
C LYS A 99 17.54 -14.85 1.39
N LYS A 100 17.46 -15.71 0.35
CA LYS A 100 17.77 -17.19 0.56
C LYS A 100 19.21 -17.26 1.12
N ALA A 101 20.08 -16.42 0.59
CA ALA A 101 21.54 -16.47 1.02
C ALA A 101 21.71 -16.13 2.52
N ASN A 102 20.70 -15.44 3.18
CA ASN A 102 20.78 -15.12 4.55
C ASN A 102 20.20 -16.25 5.32
N GLU A 103 20.98 -17.31 5.39
CA GLU A 103 20.48 -18.61 5.78
C GLU A 103 19.97 -18.80 7.17
N GLY A 104 20.54 -18.12 8.13
CA GLY A 104 20.07 -18.23 9.53
C GLY A 104 18.68 -17.62 9.91
N LEU A 105 18.23 -16.72 9.05
CA LEU A 105 17.14 -15.85 9.47
C LEU A 105 15.75 -16.50 9.36
N THR A 106 15.06 -16.52 10.47
CA THR A 106 13.68 -16.95 10.47
C THR A 106 12.84 -15.92 11.26
N TRP A 107 11.50 -16.11 11.26
CA TRP A 107 10.63 -15.22 12.06
C TRP A 107 11.16 -15.07 13.48
N ASN A 108 11.67 -16.19 14.09
CA ASN A 108 12.10 -16.18 15.47
C ASN A 108 13.42 -15.65 15.72
N SER A 109 14.14 -15.27 14.71
CA SER A 109 15.36 -14.53 14.90
C SER A 109 15.45 -13.11 14.30
N LEU A 110 14.28 -12.54 14.24
CA LEU A 110 14.19 -11.12 13.70
C LEU A 110 14.69 -10.05 14.60
N LYS A 111 14.72 -10.30 15.90
CA LYS A 111 15.19 -9.29 16.78
C LYS A 111 16.60 -8.83 16.44
N ASP A 112 16.80 -7.51 16.49
CA ASP A 112 18.06 -6.86 16.18
C ASP A 112 18.51 -6.96 14.73
N LYS A 113 17.61 -7.42 13.82
CA LYS A 113 17.97 -7.35 12.40
C LYS A 113 17.49 -6.00 11.81
N LYS A 114 17.79 -5.88 10.51
CA LYS A 114 17.52 -4.61 9.78
C LYS A 114 16.24 -4.84 8.94
N SER A 115 15.26 -3.90 9.09
CA SER A 115 13.97 -4.16 8.41
C SER A 115 13.60 -3.08 7.42
N CYS A 116 12.81 -3.47 6.45
CA CYS A 116 12.29 -2.56 5.40
C CYS A 116 10.76 -2.61 5.44
N HIS A 117 10.12 -1.49 5.63
CA HIS A 117 8.64 -1.44 5.75
C HIS A 117 8.15 -0.52 4.67
N THR A 118 6.92 -0.74 4.15
CA THR A 118 6.32 0.17 3.15
C THR A 118 6.12 1.58 3.72
N ALA A 119 5.53 1.68 4.89
CA ALA A 119 5.43 2.98 5.66
C ALA A 119 4.80 2.67 6.99
N VAL A 120 5.05 3.48 7.98
CA VAL A 120 4.24 3.35 9.20
C VAL A 120 2.77 3.47 8.79
N ASP A 121 1.97 2.73 9.55
CA ASP A 121 0.53 2.71 9.50
C ASP A 121 -0.04 1.97 8.31
N ARG A 122 0.73 1.39 7.44
CA ARG A 122 0.18 0.58 6.35
C ARG A 122 0.04 -0.89 6.72
N THR A 123 -0.83 -1.62 6.04
CA THR A 123 -1.16 -3.01 6.48
C THR A 123 -0.03 -4.02 6.47
N ALA A 124 0.48 -4.35 5.28
CA ALA A 124 1.57 -5.39 5.25
C ALA A 124 2.84 -4.81 5.74
N GLY A 125 3.06 -3.52 5.51
CA GLY A 125 4.40 -2.93 5.90
C GLY A 125 4.53 -2.71 7.38
N TRP A 126 3.44 -2.60 8.10
CA TRP A 126 3.54 -2.13 9.47
C TRP A 126 2.49 -2.74 10.43
N ASN A 127 1.20 -2.55 10.20
CA ASN A 127 0.21 -2.99 11.24
C ASN A 127 0.27 -4.47 11.47
N ILE A 128 0.37 -5.25 10.39
CA ILE A 128 0.42 -6.75 10.59
C ILE A 128 1.75 -7.18 11.25
N PRO A 129 2.92 -6.80 10.71
CA PRO A 129 4.17 -7.34 11.34
C PRO A 129 4.37 -6.72 12.68
N MET A 130 4.17 -5.38 12.87
CA MET A 130 4.44 -4.82 14.21
C MET A 130 3.37 -5.31 15.22
N GLY A 131 2.14 -5.49 14.79
CA GLY A 131 1.11 -5.98 15.68
C GLY A 131 1.49 -7.35 16.11
N LEU A 132 1.97 -8.20 15.21
CA LEU A 132 2.40 -9.59 15.65
C LEU A 132 3.59 -9.48 16.55
N ILE A 133 4.57 -8.66 16.23
CA ILE A 133 5.75 -8.52 17.10
C ILE A 133 5.41 -7.99 18.47
N VAL A 134 4.62 -6.92 18.61
CA VAL A 134 4.24 -6.41 19.97
C VAL A 134 3.57 -7.55 20.69
N ASN A 135 2.67 -8.26 20.04
CA ASN A 135 1.98 -9.38 20.75
C ASN A 135 2.95 -10.46 21.19
N GLN A 136 3.80 -10.91 20.28
CA GLN A 136 4.72 -12.01 20.70
C GLN A 136 5.78 -11.58 21.71
N THR A 137 6.29 -10.36 21.67
CA THR A 137 7.26 -9.85 22.65
C THR A 137 6.54 -9.47 23.98
N GLY A 138 5.22 -9.27 23.95
CA GLY A 138 4.53 -8.60 25.08
C GLY A 138 5.07 -7.21 25.44
N SER A 139 5.51 -6.45 24.44
CA SER A 139 6.07 -5.17 24.68
C SER A 139 5.65 -4.17 23.59
N CYS A 140 5.33 -2.96 24.03
CA CYS A 140 5.05 -1.86 23.07
C CYS A 140 6.29 -1.19 22.46
N ALA A 141 7.49 -1.63 22.89
CA ALA A 141 8.77 -1.01 22.50
C ALA A 141 9.14 -1.49 21.07
N PHE A 142 8.19 -1.47 20.13
CA PHE A 142 8.50 -1.96 18.75
C PHE A 142 9.53 -1.08 18.01
N ASP A 143 9.83 0.09 18.57
CA ASP A 143 10.74 1.02 17.93
C ASP A 143 12.16 0.69 18.26
N GLU A 144 12.36 -0.31 19.12
CA GLU A 144 13.64 -0.84 19.50
C GLU A 144 13.84 -2.33 19.16
N PHE A 145 12.91 -2.94 18.45
CA PHE A 145 13.01 -4.31 18.08
C PHE A 145 14.04 -4.59 17.00
N PHE A 146 13.96 -3.91 15.86
CA PHE A 146 14.96 -4.05 14.83
C PHE A 146 16.11 -3.09 15.14
N SER A 147 17.30 -3.46 14.76
CA SER A 147 18.44 -2.60 15.07
C SER A 147 18.35 -1.30 14.25
N GLN A 148 17.97 -1.38 12.95
CA GLN A 148 17.79 -0.18 12.11
C GLN A 148 16.60 -0.59 11.16
N SER A 149 15.91 0.45 10.63
CA SER A 149 14.87 0.16 9.69
C SER A 149 14.73 1.27 8.64
N CYS A 150 13.96 1.05 7.62
CA CYS A 150 13.38 2.14 6.86
C CYS A 150 11.90 1.97 7.01
N ALA A 151 11.26 2.87 7.76
CA ALA A 151 9.82 2.79 8.03
C ALA A 151 9.32 4.25 7.73
N PRO A 152 9.06 4.54 6.50
CA PRO A 152 8.72 5.93 6.15
C PRO A 152 7.57 6.44 7.00
N GLY A 153 7.70 7.67 7.50
CA GLY A 153 6.74 8.27 8.40
C GLY A 153 7.20 8.28 9.82
N ALA A 154 8.22 7.52 10.17
CA ALA A 154 8.74 7.56 11.53
C ALA A 154 9.67 8.79 11.75
N ASP A 155 10.16 8.94 12.98
CA ASP A 155 11.04 10.14 13.24
C ASP A 155 12.30 9.99 12.39
N PRO A 156 12.64 10.97 11.51
CA PRO A 156 13.83 10.75 10.63
C PRO A 156 15.15 10.57 11.40
N LYS A 157 15.25 10.99 12.63
CA LYS A 157 16.50 10.80 13.34
C LYS A 157 16.60 9.49 14.07
N SER A 158 15.53 8.72 14.03
CA SER A 158 15.41 7.48 14.85
C SER A 158 15.88 6.30 14.02
N ARG A 159 16.10 5.24 14.80
CA ARG A 159 16.55 3.99 14.16
C ARG A 159 15.51 3.45 13.16
N LEU A 160 14.22 3.80 13.36
CA LEU A 160 13.22 3.37 12.37
C LEU A 160 13.38 4.01 11.03
N CYS A 161 14.15 5.09 10.93
CA CYS A 161 14.44 5.74 9.63
C CYS A 161 15.87 5.64 9.14
N ALA A 162 16.68 4.89 9.93
CA ALA A 162 18.14 4.93 9.64
C ALA A 162 18.49 4.37 8.32
N LEU A 163 17.70 3.39 7.80
CA LEU A 163 17.99 2.82 6.46
C LEU A 163 17.39 3.56 5.29
N CYS A 164 16.50 4.54 5.61
CA CYS A 164 15.84 5.25 4.51
C CYS A 164 16.82 6.16 3.79
N ALA A 165 16.61 6.38 2.53
CA ALA A 165 17.63 7.08 1.68
C ALA A 165 17.18 8.35 1.06
N GLY A 166 15.91 8.77 1.20
CA GLY A 166 15.48 10.01 0.61
C GLY A 166 15.55 9.90 -0.91
N ASP A 167 15.53 11.15 -1.50
CA ASP A 167 15.44 11.29 -2.98
C ASP A 167 16.81 11.41 -3.68
N ASP A 168 16.79 11.71 -4.96
CA ASP A 168 18.05 11.57 -5.76
C ASP A 168 19.13 12.40 -5.19
N GLN A 169 18.77 13.47 -4.46
CA GLN A 169 19.65 14.37 -3.70
C GLN A 169 19.84 14.02 -2.26
N GLY A 170 19.23 12.93 -1.84
CA GLY A 170 19.17 12.66 -0.42
C GLY A 170 18.36 13.61 0.46
N LEU A 171 17.41 14.43 -0.08
CA LEU A 171 16.46 15.22 0.73
C LEU A 171 15.30 14.27 1.07
N ASP A 172 14.45 14.64 2.01
CA ASP A 172 13.20 13.96 2.22
C ASP A 172 13.47 12.53 2.75
N LYS A 173 14.57 12.29 3.38
CA LYS A 173 14.77 10.99 3.96
C LYS A 173 13.60 10.59 4.84
N CYS A 174 13.08 9.38 4.59
CA CYS A 174 11.99 8.80 5.46
C CYS A 174 10.61 9.43 5.23
N VAL A 175 10.45 10.35 4.26
CA VAL A 175 9.08 10.89 4.09
C VAL A 175 8.24 9.75 3.51
N PRO A 176 6.99 9.71 3.90
CA PRO A 176 6.10 8.60 3.43
C PRO A 176 5.42 8.97 2.15
N ASN A 177 6.25 9.14 1.14
CA ASN A 177 5.80 9.26 -0.20
C ASN A 177 6.85 8.78 -1.21
N SER A 178 6.50 8.69 -2.45
CA SER A 178 7.34 7.96 -3.46
C SER A 178 8.67 8.72 -3.71
N LYS A 179 8.88 9.92 -3.22
CA LYS A 179 10.27 10.53 -3.33
C LYS A 179 11.23 9.76 -2.51
N GLU A 180 10.85 9.13 -1.40
CA GLU A 180 11.78 8.28 -0.60
C GLU A 180 12.07 7.00 -1.38
N LYS A 181 13.38 6.75 -1.66
CA LYS A 181 13.77 5.58 -2.49
C LYS A 181 13.15 4.29 -1.99
N TYR A 182 13.03 4.12 -0.68
CA TYR A 182 12.58 2.83 -0.12
C TYR A 182 11.11 2.87 0.31
N TYR A 183 10.31 3.86 -0.18
CA TYR A 183 8.87 3.86 0.15
C TYR A 183 8.06 2.79 -0.54
N GLY A 184 7.03 2.34 0.20
CA GLY A 184 5.95 1.61 -0.49
C GLY A 184 6.37 0.17 -0.70
N TYR A 185 5.47 -0.56 -1.36
CA TYR A 185 5.80 -1.95 -1.68
C TYR A 185 7.10 -2.08 -2.44
N THR A 186 7.25 -1.32 -3.52
CA THR A 186 8.42 -1.55 -4.39
C THR A 186 9.68 -1.00 -3.66
N GLY A 187 9.57 0.12 -2.90
CA GLY A 187 10.72 0.66 -2.22
C GLY A 187 11.16 -0.30 -1.12
N ALA A 188 10.24 -0.92 -0.34
CA ALA A 188 10.67 -1.77 0.70
C ALA A 188 11.29 -3.08 0.09
N PHE A 189 10.72 -3.58 -0.97
CA PHE A 189 11.35 -4.73 -1.62
C PHE A 189 12.76 -4.34 -2.21
N ARG A 190 12.93 -3.11 -2.70
CA ARG A 190 14.25 -2.68 -3.19
C ARG A 190 15.18 -2.64 -1.99
N CYS A 191 14.78 -2.17 -0.81
CA CYS A 191 15.59 -2.14 0.40
C CYS A 191 16.10 -3.53 0.68
N LEU A 192 15.29 -4.55 0.55
CA LEU A 192 15.75 -5.88 0.71
C LEU A 192 16.62 -6.32 -0.45
N ALA A 193 16.23 -6.03 -1.67
CA ALA A 193 17.01 -6.55 -2.84
C ALA A 193 18.47 -6.00 -2.76
N GLU A 194 18.66 -4.82 -2.32
CA GLU A 194 19.97 -4.12 -2.29
C GLU A 194 20.70 -4.52 -1.03
N ASP A 195 20.14 -5.32 -0.12
CA ASP A 195 20.74 -5.75 1.19
C ASP A 195 20.97 -4.60 2.09
N VAL A 196 20.12 -3.54 1.88
CA VAL A 196 20.09 -2.52 2.99
C VAL A 196 19.42 -3.10 4.25
N GLY A 197 18.30 -3.85 4.04
CA GLY A 197 17.69 -4.53 5.12
C GLY A 197 17.87 -6.06 5.00
N ASP A 198 17.57 -6.73 6.14
CA ASP A 198 17.49 -8.20 6.20
C ASP A 198 16.12 -8.79 5.83
N VAL A 199 15.05 -7.99 6.08
CA VAL A 199 13.69 -8.44 5.87
C VAL A 199 12.88 -7.30 5.30
N ALA A 200 11.97 -7.65 4.37
CA ALA A 200 11.02 -6.61 3.87
C ALA A 200 9.63 -7.16 4.17
N PHE A 201 8.80 -6.22 4.69
CA PHE A 201 7.34 -6.50 4.96
C PHE A 201 6.58 -5.90 3.83
N VAL A 202 6.18 -6.70 2.87
CA VAL A 202 5.43 -6.35 1.72
C VAL A 202 4.31 -7.34 1.46
N LYS A 203 3.79 -7.41 0.24
CA LYS A 203 2.82 -8.44 -0.12
C LYS A 203 3.40 -9.39 -1.09
N ASN A 204 2.66 -10.51 -1.23
CA ASN A 204 3.13 -11.54 -2.18
C ASN A 204 3.34 -10.99 -3.54
N ASP A 205 2.41 -10.15 -4.04
CA ASP A 205 2.47 -9.77 -5.44
C ASP A 205 3.77 -9.00 -5.71
N THR A 206 4.21 -8.20 -4.73
CA THR A 206 5.44 -7.37 -4.94
C THR A 206 6.60 -8.25 -5.29
N VAL A 207 6.75 -9.41 -4.64
CA VAL A 207 8.00 -10.19 -4.96
C VAL A 207 7.88 -10.67 -6.40
N TRP A 208 6.72 -11.12 -6.85
CA TRP A 208 6.58 -11.62 -8.22
C TRP A 208 6.71 -10.58 -9.24
N GLU A 209 6.24 -9.33 -8.98
CA GLU A 209 6.15 -8.31 -9.97
C GLU A 209 7.53 -7.62 -10.15
N ASN A 210 8.49 -7.91 -9.28
CA ASN A 210 9.81 -7.25 -9.33
C ASN A 210 10.92 -8.22 -9.49
N THR A 211 10.60 -9.40 -10.00
CA THR A 211 11.64 -10.44 -10.19
C THR A 211 11.41 -11.08 -11.57
N ASN A 212 12.47 -11.81 -11.98
CA ASN A 212 12.39 -12.70 -13.24
C ASN A 212 11.92 -11.95 -14.47
N GLY A 213 12.34 -10.73 -14.60
CA GLY A 213 12.03 -9.87 -15.70
C GLY A 213 10.71 -9.19 -15.75
N GLU A 214 9.96 -9.38 -14.62
CA GLU A 214 8.65 -8.69 -14.58
C GLU A 214 8.82 -7.21 -14.40
N SER A 215 9.95 -6.82 -13.85
CA SER A 215 10.25 -5.38 -13.83
C SER A 215 11.58 -5.17 -14.59
N THR A 216 11.58 -4.12 -15.43
CA THR A 216 12.76 -3.74 -16.19
C THR A 216 13.57 -2.69 -15.48
N ALA A 217 13.06 -2.17 -14.34
CA ALA A 217 13.91 -1.26 -13.57
C ALA A 217 15.33 -1.79 -13.21
N ASP A 218 16.31 -0.86 -13.25
CA ASP A 218 17.69 -1.27 -12.97
C ASP A 218 17.97 -2.12 -11.75
N TRP A 219 17.35 -1.74 -10.61
CA TRP A 219 17.68 -2.52 -9.43
C TRP A 219 16.91 -3.86 -9.41
N ALA A 220 15.87 -3.94 -10.25
CA ALA A 220 15.03 -5.16 -10.22
C ALA A 220 15.30 -6.14 -11.39
N LYS A 221 15.83 -5.60 -12.47
CA LYS A 221 15.80 -6.24 -13.75
C LYS A 221 16.53 -7.53 -13.75
N ASN A 222 17.44 -7.67 -12.82
CA ASN A 222 18.25 -8.84 -12.66
C ASN A 222 17.93 -9.74 -11.46
N LEU A 223 16.89 -9.46 -10.71
CA LEU A 223 16.52 -10.29 -9.57
C LEU A 223 15.80 -11.58 -9.90
N LYS A 224 16.12 -12.63 -9.18
CA LYS A 224 15.53 -13.95 -9.45
C LYS A 224 14.73 -14.35 -8.23
N ARG A 225 13.52 -14.87 -8.37
CA ARG A 225 12.71 -15.30 -7.23
C ARG A 225 13.33 -16.30 -6.31
N GLU A 226 14.16 -17.16 -6.95
CA GLU A 226 14.65 -18.27 -6.22
C GLU A 226 15.71 -17.75 -5.18
N ASP A 227 16.10 -16.52 -5.35
CA ASP A 227 17.03 -15.90 -4.39
C ASP A 227 16.32 -15.31 -3.13
N PHE A 228 14.99 -15.49 -3.09
CA PHE A 228 14.23 -14.97 -1.92
C PHE A 228 13.46 -16.04 -1.24
N ARG A 229 13.18 -15.89 0.02
CA ARG A 229 12.38 -16.76 0.80
C ARG A 229 11.35 -15.98 1.63
N LEU A 230 10.28 -16.66 1.96
CA LEU A 230 9.31 -16.10 2.85
C LEU A 230 9.50 -16.65 4.25
N LEU A 231 9.27 -15.84 5.25
CA LEU A 231 9.32 -16.26 6.64
C LEU A 231 7.90 -16.61 7.12
N CYS A 232 7.70 -17.86 7.55
CA CYS A 232 6.41 -18.30 8.07
C CYS A 232 6.35 -18.09 9.58
N LEU A 233 5.16 -17.90 10.12
CA LEU A 233 5.04 -17.65 11.57
C LEU A 233 5.46 -18.86 12.46
N ASP A 234 5.49 -20.04 11.84
CA ASP A 234 5.94 -21.23 12.60
C ASP A 234 7.42 -21.39 12.55
N GLY A 235 8.14 -20.40 12.04
CA GLY A 235 9.60 -20.43 12.16
C GLY A 235 10.26 -21.08 10.98
N THR A 236 9.54 -21.56 9.95
CA THR A 236 10.09 -22.16 8.78
C THR A 236 10.34 -21.09 7.68
N ARG A 237 10.98 -21.39 6.58
CA ARG A 237 11.28 -20.53 5.45
C ARG A 237 10.79 -21.26 4.23
N LYS A 238 10.06 -20.63 3.33
CA LYS A 238 9.62 -21.22 2.14
C LYS A 238 9.89 -20.47 0.88
N PRO A 239 9.92 -21.08 -0.27
CA PRO A 239 9.98 -20.44 -1.53
C PRO A 239 8.78 -19.48 -1.72
N VAL A 240 8.99 -18.50 -2.53
CA VAL A 240 7.95 -17.47 -2.62
C VAL A 240 6.73 -17.98 -3.40
N THR A 241 6.75 -19.21 -4.01
CA THR A 241 5.60 -19.89 -4.57
C THR A 241 4.63 -20.30 -3.47
N GLU A 242 5.04 -20.25 -2.20
CA GLU A 242 4.24 -20.84 -1.10
C GLU A 242 3.52 -19.82 -0.23
N ALA A 243 3.28 -18.65 -0.82
CA ALA A 243 2.67 -17.61 -0.01
C ALA A 243 1.29 -17.94 0.65
N GLN A 244 0.55 -18.88 -0.01
CA GLN A 244 -0.81 -19.18 0.53
C GLN A 244 -0.71 -20.00 1.78
N SER A 245 0.46 -20.59 2.06
CA SER A 245 0.77 -21.27 3.32
C SER A 245 1.86 -20.74 4.17
N CYS A 246 2.27 -19.47 3.82
CA CYS A 246 3.40 -18.84 4.56
C CYS A 246 3.24 -17.29 4.41
N HIS A 247 2.17 -16.83 5.01
CA HIS A 247 1.90 -15.36 5.06
C HIS A 247 1.66 -14.97 6.46
N LEU A 248 1.73 -13.66 6.74
CA LEU A 248 1.41 -13.12 8.00
C LEU A 248 -0.03 -12.80 8.26
N ALA A 249 -0.74 -12.45 7.16
CA ALA A 249 -2.20 -12.15 7.18
C ALA A 249 -2.70 -12.00 5.82
N VAL A 250 -4.02 -12.01 5.68
CA VAL A 250 -4.64 -11.56 4.51
C VAL A 250 -5.16 -10.16 4.73
N ALA A 251 -4.78 -9.22 3.84
CA ALA A 251 -5.10 -7.75 3.96
C ALA A 251 -6.28 -7.47 3.08
N PRO A 252 -7.15 -6.49 3.55
CA PRO A 252 -8.18 -5.99 2.70
C PRO A 252 -7.61 -5.10 1.54
N ASN A 253 -8.08 -5.21 0.33
CA ASN A 253 -7.52 -4.50 -0.79
C ASN A 253 -7.54 -2.98 -0.57
N HIS A 254 -6.57 -2.29 -1.09
CA HIS A 254 -6.64 -0.83 -1.10
C HIS A 254 -7.96 -0.38 -1.73
N ALA A 255 -8.48 0.75 -1.25
CA ALA A 255 -9.79 1.22 -1.72
C ALA A 255 -9.86 2.73 -1.71
N VAL A 256 -10.77 3.25 -2.47
CA VAL A 256 -11.03 4.68 -2.55
C VAL A 256 -11.93 5.08 -1.39
N VAL A 257 -11.56 6.20 -0.73
CA VAL A 257 -12.43 6.77 0.33
C VAL A 257 -12.79 8.18 -0.04
N SER A 258 -13.96 8.61 0.50
CA SER A 258 -14.41 9.99 0.31
C SER A 258 -15.22 10.41 1.52
N ARG A 259 -15.58 11.70 1.61
CA ARG A 259 -16.70 12.00 2.51
C ARG A 259 -17.88 11.35 2.05
N SER A 260 -18.70 11.10 3.04
CA SER A 260 -19.93 10.43 2.78
C SER A 260 -20.87 11.17 1.76
N ASP A 261 -20.92 12.47 1.86
CA ASP A 261 -21.75 13.24 1.00
C ASP A 261 -21.28 13.36 -0.45
N ARG A 262 -20.05 12.93 -0.71
CA ARG A 262 -19.52 12.92 -2.03
C ARG A 262 -19.35 11.53 -2.63
N ALA A 263 -19.59 10.52 -1.80
CA ALA A 263 -19.32 9.10 -2.25
C ALA A 263 -19.99 8.68 -3.50
N ALA A 264 -21.32 8.99 -3.60
CA ALA A 264 -21.98 8.61 -4.78
C ALA A 264 -21.45 9.23 -6.08
N HIS A 265 -21.12 10.52 -5.99
CA HIS A 265 -20.61 11.18 -7.17
C HIS A 265 -19.20 10.67 -7.53
N VAL A 266 -18.37 10.51 -6.48
CA VAL A 266 -17.01 9.95 -6.74
C VAL A 266 -17.12 8.58 -7.38
N GLU A 267 -18.05 7.78 -6.93
CA GLU A 267 -18.19 6.45 -7.47
C GLU A 267 -18.55 6.52 -8.98
N GLN A 268 -19.59 7.29 -9.28
CA GLN A 268 -20.04 7.39 -10.68
C GLN A 268 -18.94 7.90 -11.58
N VAL A 269 -18.22 8.96 -11.16
CA VAL A 269 -17.15 9.46 -11.95
C VAL A 269 -16.03 8.43 -12.13
N LEU A 270 -15.65 7.72 -11.07
CA LEU A 270 -14.60 6.70 -11.22
C LEU A 270 -15.00 5.57 -12.17
N LEU A 271 -16.25 5.15 -12.11
CA LEU A 271 -16.69 4.06 -13.01
C LEU A 271 -16.57 4.51 -14.47
N HIS A 272 -16.88 5.75 -14.74
CA HIS A 272 -16.72 6.31 -16.07
C HIS A 272 -15.24 6.48 -16.44
N GLN A 273 -14.44 7.00 -15.47
CA GLN A 273 -13.05 7.25 -15.82
C GLN A 273 -12.29 5.93 -16.11
N GLN A 274 -12.61 4.86 -15.40
CA GLN A 274 -11.91 3.58 -15.75
C GLN A 274 -12.46 2.99 -17.06
N ALA A 275 -13.73 3.26 -17.34
CA ALA A 275 -14.14 2.82 -18.73
C ALA A 275 -13.31 3.47 -19.81
N LEU A 276 -12.83 4.68 -19.63
CA LEU A 276 -11.96 5.39 -20.56
C LEU A 276 -10.51 5.00 -20.40
N PHE A 277 -10.02 4.88 -19.14
CA PHE A 277 -8.56 4.82 -18.94
C PHE A 277 -8.08 3.59 -18.23
N GLY A 278 -8.96 2.69 -17.87
CA GLY A 278 -8.64 1.52 -17.13
C GLY A 278 -8.08 0.42 -18.00
N LYS A 279 -7.99 -0.78 -17.47
CA LYS A 279 -7.42 -1.88 -18.23
C LYS A 279 -8.39 -2.20 -19.35
N ASN A 280 -7.87 -2.27 -20.56
CA ASN A 280 -8.71 -2.33 -21.74
C ASN A 280 -9.64 -1.14 -21.96
N GLY A 281 -9.37 -0.02 -21.32
CA GLY A 281 -10.16 1.15 -21.53
C GLY A 281 -10.12 1.74 -22.91
N LYS A 282 -11.13 2.50 -23.21
CA LYS A 282 -11.23 3.06 -24.52
C LYS A 282 -10.04 3.91 -24.95
N ASN A 283 -9.39 4.56 -24.02
CA ASN A 283 -8.30 5.42 -24.34
C ASN A 283 -6.98 5.00 -23.74
N CYS A 284 -6.95 3.78 -23.34
CA CYS A 284 -5.72 3.14 -22.76
C CYS A 284 -5.37 1.99 -23.68
N PRO A 285 -4.12 1.95 -24.21
CA PRO A 285 -2.94 2.82 -24.00
C PRO A 285 -2.78 4.08 -24.84
N ASP A 286 -3.68 4.33 -25.81
CA ASP A 286 -3.41 5.42 -26.77
C ASP A 286 -3.10 6.71 -26.09
N LYS A 287 -3.92 7.07 -25.10
CA LYS A 287 -3.84 8.37 -24.48
C LYS A 287 -3.39 8.29 -23.04
N PHE A 288 -4.05 7.46 -22.20
CA PHE A 288 -3.67 7.53 -20.76
C PHE A 288 -4.17 6.24 -20.14
N CYS A 289 -3.33 5.63 -19.25
CA CYS A 289 -3.75 4.41 -18.50
C CYS A 289 -3.72 4.75 -16.97
N LEU A 290 -4.89 4.70 -16.39
CA LEU A 290 -5.07 5.11 -14.96
C LEU A 290 -4.27 4.14 -14.07
N PHE A 291 -4.10 2.85 -14.45
CA PHE A 291 -3.51 1.78 -13.56
C PHE A 291 -2.11 1.45 -14.09
N LYS A 292 -1.41 2.36 -14.79
CA LYS A 292 0.01 2.22 -15.06
C LYS A 292 0.76 3.40 -14.51
N SER A 293 2.04 3.25 -14.18
CA SER A 293 2.79 4.38 -13.68
C SER A 293 4.13 4.59 -14.33
N GLU A 294 4.56 5.87 -14.38
CA GLU A 294 5.84 6.30 -14.93
C GLU A 294 6.88 5.71 -14.05
N THR A 295 6.67 5.83 -12.74
CA THR A 295 7.48 5.10 -11.77
C THR A 295 6.74 3.83 -11.30
N LYS A 296 6.27 3.79 -10.04
CA LYS A 296 5.53 2.62 -9.55
C LYS A 296 4.34 2.83 -8.59
N ASN A 297 3.24 2.21 -8.94
CA ASN A 297 2.05 2.20 -8.03
C ASN A 297 1.64 3.57 -7.63
N LEU A 298 1.56 4.47 -8.59
CA LEU A 298 1.15 5.80 -8.31
C LEU A 298 -0.35 5.95 -8.44
N LEU A 299 -0.99 6.46 -7.37
CA LEU A 299 -2.50 6.66 -7.26
C LEU A 299 -3.21 5.36 -7.00
N PHE A 300 -2.90 4.34 -7.83
CA PHE A 300 -3.39 3.01 -7.68
C PHE A 300 -2.25 2.02 -7.83
N ASN A 301 -2.41 0.80 -7.33
CA ASN A 301 -1.39 -0.24 -7.70
C ASN A 301 -1.49 -0.55 -9.19
N ASP A 302 -0.30 -0.75 -9.72
CA ASP A 302 -0.22 -1.07 -11.16
C ASP A 302 -0.81 -2.42 -11.44
N ASN A 303 -1.03 -3.30 -10.48
CA ASN A 303 -1.69 -4.59 -10.78
C ASN A 303 -3.24 -4.49 -10.68
N THR A 304 -3.81 -3.26 -10.54
CA THR A 304 -5.24 -3.14 -10.48
C THR A 304 -5.83 -3.41 -11.88
N GLU A 305 -6.81 -4.34 -11.90
CA GLU A 305 -7.54 -4.61 -13.17
C GLU A 305 -8.71 -3.69 -13.28
N CYS A 306 -9.36 -3.38 -12.14
CA CYS A 306 -10.41 -2.36 -12.13
C CYS A 306 -10.62 -1.91 -10.61
N LEU A 307 -11.44 -0.87 -10.52
CA LEU A 307 -12.06 -0.55 -9.21
C LEU A 307 -13.41 -1.26 -9.22
N ALA A 308 -13.68 -1.89 -8.16
CA ALA A 308 -14.91 -2.75 -8.08
C ALA A 308 -15.87 -2.21 -7.08
N LYS A 309 -17.17 -2.47 -7.33
CA LYS A 309 -18.22 -2.10 -6.40
C LYS A 309 -18.15 -2.89 -5.15
N LEU A 310 -18.51 -2.27 -4.02
CA LEU A 310 -18.46 -2.94 -2.80
C LEU A 310 -19.84 -3.56 -2.53
N GLY A 311 -19.85 -4.67 -1.82
CA GLY A 311 -21.13 -5.35 -1.43
C GLY A 311 -21.58 -4.82 -0.09
N GLY A 312 -22.88 -4.48 0.00
CA GLY A 312 -23.41 -4.22 1.36
C GLY A 312 -23.15 -2.81 1.87
N ARG A 313 -22.85 -1.86 0.95
CA ARG A 313 -22.62 -0.50 1.35
C ARG A 313 -21.87 -0.50 2.68
N PRO A 314 -20.64 -1.02 2.72
CA PRO A 314 -20.06 -1.30 3.97
C PRO A 314 -19.45 -0.10 4.68
N THR A 315 -19.56 -0.07 5.98
CA THR A 315 -18.80 0.93 6.76
C THR A 315 -17.27 0.66 6.64
N TYR A 316 -16.44 1.55 7.15
CA TYR A 316 -15.03 1.25 7.04
C TYR A 316 -14.72 0.05 7.86
N GLU A 317 -15.39 -0.19 8.99
CA GLU A 317 -15.04 -1.36 9.81
C GLU A 317 -15.51 -2.59 9.14
N GLU A 318 -16.66 -2.61 8.45
CA GLU A 318 -17.06 -3.80 7.73
C GLU A 318 -16.10 -4.08 6.63
N TYR A 319 -15.62 -3.04 5.93
CA TYR A 319 -14.70 -3.26 4.77
C TYR A 319 -13.37 -3.86 5.32
N LEU A 320 -12.84 -3.31 6.39
CA LEU A 320 -11.56 -3.79 6.83
C LEU A 320 -11.70 -5.16 7.49
N GLY A 321 -12.86 -5.38 8.13
CA GLY A 321 -13.12 -6.63 8.90
C GLY A 321 -12.82 -6.44 10.34
N THR A 322 -13.62 -7.06 11.21
CA THR A 322 -13.51 -6.81 12.64
C THR A 322 -12.15 -7.22 13.23
N GLU A 323 -11.65 -8.31 12.73
CA GLU A 323 -10.38 -8.85 13.24
C GLU A 323 -9.23 -7.89 12.91
N TYR A 324 -9.20 -7.38 11.67
CA TYR A 324 -8.16 -6.38 11.35
C TYR A 324 -8.33 -5.14 12.16
N VAL A 325 -9.57 -4.59 12.32
CA VAL A 325 -9.76 -3.40 13.11
C VAL A 325 -9.27 -3.51 14.55
N THR A 326 -9.60 -4.67 15.08
CA THR A 326 -9.23 -4.96 16.50
C THR A 326 -7.67 -5.07 16.60
N ALA A 327 -7.02 -5.71 15.67
CA ALA A 327 -5.55 -5.71 15.63
C ALA A 327 -4.93 -4.30 15.53
N ILE A 328 -5.48 -3.44 14.69
CA ILE A 328 -4.97 -2.11 14.59
C ILE A 328 -5.18 -1.36 15.90
N ALA A 329 -6.40 -1.43 16.41
CA ALA A 329 -6.67 -0.73 17.64
C ALA A 329 -5.71 -1.21 18.78
N ASN A 330 -5.42 -2.53 18.83
CA ASN A 330 -4.50 -3.07 19.86
C ASN A 330 -3.09 -2.49 19.70
N LEU A 331 -2.57 -2.45 18.44
CA LEU A 331 -1.27 -1.90 18.20
C LEU A 331 -1.24 -0.40 18.54
N LYS A 332 -2.31 0.34 18.20
CA LYS A 332 -2.27 1.81 18.36
C LYS A 332 -2.29 2.19 19.88
N LYS A 333 -2.67 1.24 20.71
CA LYS A 333 -2.47 1.41 22.19
C LYS A 333 -1.04 1.64 22.61
N CYS A 334 -0.07 1.12 21.87
CA CYS A 334 1.32 1.48 22.10
C CYS A 334 1.78 2.91 21.77
N SER A 335 0.94 3.71 21.13
CA SER A 335 1.45 5.04 20.69
C SER A 335 0.80 6.22 21.40
N LEU B 1 -9.12 2.46 19.51
CA LEU B 1 -10.56 2.35 19.75
C LEU B 1 -11.21 3.70 20.15
N GLU B 2 -10.76 4.80 19.53
CA GLU B 2 -11.22 6.16 19.91
C GLU B 2 -11.71 7.10 18.78
N ALA B 3 -11.28 8.37 18.83
CA ALA B 3 -11.77 9.46 17.98
C ALA B 3 -10.91 9.62 16.68
N CYS B 4 -11.22 10.60 15.87
CA CYS B 4 -10.32 10.99 14.77
C CYS B 4 -8.91 11.45 15.32
N ALA B 5 -7.84 11.04 14.63
CA ALA B 5 -6.46 11.43 15.01
C ALA B 5 -6.11 12.87 14.68
N PHE B 6 -7.04 13.55 14.02
CA PHE B 6 -6.91 14.98 13.69
C PHE B 6 -8.17 15.60 14.35
C1 NAG C . -2.56 -9.03 19.13
C2 NAG C . -3.40 -9.45 17.94
C3 NAG C . -4.90 -9.10 18.08
C4 NAG C . -5.40 -9.51 19.52
C5 NAG C . -4.42 -9.03 20.61
C6 NAG C . -4.73 -9.44 22.07
C7 NAG C . -2.44 -9.43 15.72
C8 NAG C . -1.87 -8.65 14.55
N2 NAG C . -2.79 -8.76 16.81
O3 NAG C . -5.64 -9.76 17.03
O4 NAG C . -6.70 -9.00 19.82
O5 NAG C . -3.18 -9.61 20.26
O6 NAG C . -5.12 -10.80 22.04
O7 NAG C . -2.61 -10.67 15.56
C1 NAG C . -7.70 -10.06 19.78
C2 NAG C . -8.90 -9.54 20.58
C3 NAG C . -10.01 -10.58 20.63
C4 NAG C . -10.32 -11.20 19.27
C5 NAG C . -9.04 -11.66 18.51
C6 NAG C . -9.28 -12.03 17.04
C7 NAG C . -8.38 -8.04 22.50
C8 NAG C . -7.99 -7.96 23.96
N2 NAG C . -8.51 -9.25 21.94
O3 NAG C . -11.14 -9.90 21.13
O4 NAG C . -11.34 -12.20 19.43
O5 NAG C . -8.06 -10.61 18.51
O6 NAG C . -9.75 -10.86 16.36
O7 NAG C . -8.58 -6.99 21.92
C1 NAG D . 1.43 -14.09 -5.60
C2 NAG D . 0.23 -14.97 -5.98
C3 NAG D . 0.45 -15.39 -7.42
C4 NAG D . 0.48 -14.21 -8.35
C5 NAG D . 1.64 -13.27 -7.81
C6 NAG D . 1.69 -11.92 -8.62
C7 NAG D . -0.71 -16.33 -4.23
C8 NAG D . -0.57 -17.59 -3.41
N2 NAG D . 0.29 -16.13 -5.05
O3 NAG D . -0.71 -16.14 -7.78
O4 NAG D . 0.87 -14.68 -9.60
O5 NAG D . 1.42 -12.99 -6.49
O6 NAG D . 0.40 -11.29 -8.58
O7 NAG D . -1.72 -15.67 -4.14
C1 NAG D . 0.01 -14.19 -10.63
C2 NAG D . 0.69 -14.35 -11.97
C3 NAG D . -0.34 -14.12 -13.11
C4 NAG D . -1.48 -15.12 -12.96
C5 NAG D . -2.05 -14.50 -11.70
C6 NAG D . -3.47 -14.93 -11.43
C7 NAG D . 3.06 -13.69 -12.17
C8 NAG D . 3.96 -12.48 -12.33
N2 NAG D . 1.78 -13.37 -12.10
O3 NAG D . 0.37 -14.34 -14.28
O4 NAG D . -2.40 -15.14 -14.07
O5 NAG D . -1.20 -14.92 -10.62
O6 NAG D . -3.25 -16.30 -11.16
O7 NAG D . 3.50 -14.83 -12.10
C1 NAG E . -16.93 14.59 -18.46
C2 NAG E . -16.92 13.41 -19.41
C3 NAG E . -18.13 13.59 -20.34
C4 NAG E . -19.44 13.63 -19.59
C5 NAG E . -19.34 14.55 -18.38
C6 NAG E . -20.53 14.24 -17.47
C7 NAG E . -14.54 12.72 -19.81
C8 NAG E . -13.45 12.92 -20.80
N2 NAG E . -15.71 13.36 -20.15
O3 NAG E . -18.20 12.44 -21.17
O4 NAG E . -20.55 14.03 -20.43
O5 NAG E . -18.08 14.29 -17.68
O6 NAG E . -20.43 12.86 -17.09
O7 NAG E . -14.31 12.08 -18.74
FE FE F . -1.29 -2.31 1.47
ZN ZN G . -23.23 -2.94 6.80
ZN ZN H . -3.98 -17.28 6.43
C CO3 I . 0.91 -2.06 2.72
O1 CO3 I . 0.51 -1.22 1.92
O2 CO3 I . 0.13 -3.04 2.86
O3 CO3 I . 1.95 -2.03 3.40
C CO3 J . 16.29 -22.01 2.47
O1 CO3 J . 17.32 -21.41 2.82
O2 CO3 J . 15.23 -21.91 3.11
O3 CO3 J . 16.31 -22.65 1.41
C1 GOL K . 8.88 -14.56 17.98
O1 GOL K . 7.77 -15.19 18.66
C2 GOL K . 9.15 -13.12 18.39
O2 GOL K . 8.44 -12.12 17.62
C3 GOL K . 10.61 -12.91 18.05
O3 GOL K . 10.66 -12.74 16.62
N ABU L . -16.42 -7.77 7.59
CD ABU L . -17.61 -7.15 7.06
CB ABU L . -18.84 -7.87 7.58
CG ABU L . -19.88 -8.05 6.47
C ABU L . -20.95 -6.98 6.62
O ABU L . -21.75 -7.07 7.57
OXT ABU L . -20.99 -6.07 5.77
#